data_3ZVL
#
_entry.id   3ZVL
#
_cell.length_a   42.750
_cell.length_b   63.500
_cell.length_c   67.900
_cell.angle_alpha   90.00
_cell.angle_beta   91.82
_cell.angle_gamma   90.00
#
_symmetry.space_group_name_H-M   'P 1 21 1'
#
loop_
_entity.id
_entity.type
_entity.pdbx_description
1 polymer 'BIFUNCTIONAL POLYNUCLEOTIDE PHOSPHATASE/KINASE'
2 non-polymer GLYCEROL
3 non-polymer 'MAGNESIUM ION'
4 non-polymer 'CHLORIDE ION'
5 non-polymer 'ACETATE ION'
6 water water
#
_entity_poly.entity_id   1
_entity_poly.type   'polypeptide(L)'
_entity_poly.pdbx_seq_one_letter_code
;GPHMTSGSQPDAPPDTPGDPEEGEDTEPQKKRVRKSSLGWESLKKLLVFTASGVKPQGKVAAFDLDGTLITTRSGKVFPT
SPSDWRILYPEIPKKLQELAAEGYKLVIFTNQMGIGRGKLPAEVFKGKVEAVLEKLGVPFQVLVATHAGLNRKPVSGMWD
HLQEQANEGIPISVEDSVFVGDAAGRLANWAPGRKKKDFSCADRLFALNVGLPFATPEEFFLKWPAARFELPAFDPRTIS
SAGPLYLPESSSLLSPNPEVVVAVGFPGAGKSTFIQEHLVSAGYVHVNRDTLGSWQRCVSSCQAALRQGKRVVIDNTNPD
VPSRARYIQCAKDAGVPCRCFNF(CSX)ATIEQARHNNRFREMTDPSHAPVSDMVMFSYRKQFEPPTLAEGFLEILEIPF
RLQEHLDPALQRLYRQFSEG
;
_entity_poly.pdbx_strand_id   A
#
loop_
_chem_comp.id
_chem_comp.type
_chem_comp.name
_chem_comp.formula
ACT non-polymer 'ACETATE ION' 'C2 H3 O2 -1'
CL non-polymer 'CHLORIDE ION' 'Cl -1'
GOL non-polymer GLYCEROL 'C3 H8 O3'
MG non-polymer 'MAGNESIUM ION' 'Mg 2'
#
# COMPACT_ATOMS: atom_id res chain seq x y z
N SER A 37 24.00 22.31 -10.68
CA SER A 37 24.75 23.12 -9.74
C SER A 37 23.98 23.27 -8.44
N LEU A 38 22.67 23.49 -8.53
CA LEU A 38 21.83 23.59 -7.32
C LEU A 38 22.09 22.41 -6.42
N GLY A 39 22.13 21.21 -7.00
CA GLY A 39 22.64 20.05 -6.30
C GLY A 39 21.62 19.27 -5.48
N TRP A 40 22.10 18.66 -4.40
CA TRP A 40 21.28 17.77 -3.59
C TRP A 40 20.52 18.48 -2.49
N GLU A 41 19.29 18.05 -2.30
CA GLU A 41 18.50 18.45 -1.13
C GLU A 41 18.08 17.20 -0.38
N SER A 42 18.26 17.20 0.94
CA SER A 42 17.92 16.06 1.75
C SER A 42 16.71 16.36 2.63
N LEU A 43 15.66 15.56 2.46
CA LEU A 43 14.49 15.61 3.35
C LEU A 43 14.37 14.30 4.13
N LYS A 44 13.47 14.26 5.12
CA LYS A 44 13.41 13.08 6.00
C LYS A 44 13.38 11.77 5.22
N LYS A 45 12.50 11.70 4.23
CA LYS A 45 12.31 10.48 3.46
C LYS A 45 12.33 10.76 1.95
N LEU A 46 13.21 11.66 1.54
CA LEU A 46 13.32 12.04 0.14
C LEU A 46 14.65 12.73 -0.13
N LEU A 47 15.28 12.38 -1.25
CA LEU A 47 16.44 13.12 -1.73
C LEU A 47 16.08 13.69 -3.08
N VAL A 48 16.54 14.90 -3.35
CA VAL A 48 16.29 15.55 -4.62
C VAL A 48 17.60 16.12 -5.17
N PHE A 49 17.92 15.78 -6.40
CA PHE A 49 19.06 16.38 -7.09
C PHE A 49 18.58 17.19 -8.26
N THR A 50 19.09 18.42 -8.39
CA THR A 50 18.74 19.21 -9.54
C THR A 50 20.02 19.62 -10.23
N ALA A 51 20.22 19.11 -11.45
CA ALA A 51 21.46 19.35 -12.17
C ALA A 51 21.54 20.75 -12.73
N SER A 52 22.77 21.18 -13.01
CA SER A 52 22.97 22.38 -13.78
C SER A 52 22.19 22.29 -15.09
N GLY A 53 21.45 23.33 -15.43
CA GLY A 53 20.74 23.38 -16.70
C GLY A 53 19.30 22.91 -16.68
N VAL A 54 18.86 22.35 -15.55
CA VAL A 54 17.46 22.01 -15.40
C VAL A 54 16.59 23.26 -15.49
N LYS A 55 15.51 23.16 -16.26
CA LYS A 55 14.53 24.22 -16.35
C LYS A 55 13.12 23.71 -16.05
N PRO A 56 12.34 24.48 -15.29
CA PRO A 56 10.94 24.07 -15.07
C PRO A 56 10.19 24.08 -16.41
N GLN A 57 9.29 23.14 -16.60
CA GLN A 57 8.49 23.08 -17.84
C GLN A 57 7.07 22.61 -17.52
N GLY A 58 6.16 22.83 -18.48
CA GLY A 58 4.77 22.41 -18.34
C GLY A 58 4.52 20.99 -18.80
N LYS A 59 5.57 20.30 -19.24
CA LYS A 59 5.45 18.87 -19.54
C LYS A 59 6.74 18.18 -19.15
N VAL A 60 6.62 16.91 -18.77
CA VAL A 60 7.73 16.19 -18.16
C VAL A 60 7.92 14.86 -18.85
N ALA A 61 9.16 14.45 -19.07
CA ALA A 61 9.43 13.09 -19.48
C ALA A 61 10.17 12.49 -18.30
N ALA A 62 9.50 11.60 -17.56
CA ALA A 62 10.07 11.05 -16.32
C ALA A 62 10.42 9.58 -16.48
N PHE A 63 11.42 9.13 -15.72
CA PHE A 63 11.98 7.80 -15.92
C PHE A 63 12.32 7.14 -14.61
N ASP A 64 12.09 5.83 -14.52
CA ASP A 64 12.70 5.02 -13.47
C ASP A 64 14.21 4.96 -13.72
N LEU A 65 14.98 4.60 -12.70
CA LEU A 65 16.43 4.47 -12.87
C LEU A 65 16.84 3.03 -13.14
N ASP A 66 16.73 2.16 -12.12
CA ASP A 66 17.28 0.80 -12.20
C ASP A 66 16.50 -0.10 -13.14
N GLY A 67 17.16 -0.58 -14.20
CA GLY A 67 16.48 -1.40 -15.20
C GLY A 67 15.71 -0.60 -16.25
N THR A 68 15.84 0.72 -16.20
CA THR A 68 15.17 1.60 -17.15
C THR A 68 16.17 2.47 -17.91
N LEU A 69 17.02 3.19 -17.17
CA LEU A 69 18.08 3.96 -17.80
C LEU A 69 19.41 3.23 -17.68
N ILE A 70 19.53 2.39 -16.65
CA ILE A 70 20.77 1.65 -16.43
C ILE A 70 20.50 0.18 -16.10
N THR A 71 21.54 -0.64 -16.25
CA THR A 71 21.50 -2.00 -15.77
C THR A 71 22.91 -2.33 -15.29
N THR A 72 23.13 -3.52 -14.77
CA THR A 72 24.47 -3.86 -14.31
C THR A 72 25.44 -4.03 -15.48
N ARG A 73 26.66 -3.56 -15.27
CA ARG A 73 27.75 -3.86 -16.20
C ARG A 73 28.15 -5.33 -16.06
N SER A 74 28.05 -5.85 -14.84
CA SER A 74 28.47 -7.22 -14.55
C SER A 74 27.61 -8.27 -15.25
N GLY A 75 26.37 -7.91 -15.57
CA GLY A 75 25.43 -8.86 -16.14
C GLY A 75 24.74 -9.69 -15.07
N LYS A 76 24.98 -9.36 -13.80
CA LYS A 76 24.27 -10.02 -12.71
C LYS A 76 22.96 -9.32 -12.42
N VAL A 77 22.05 -10.02 -11.75
CA VAL A 77 20.76 -9.44 -11.39
C VAL A 77 20.93 -8.24 -10.46
N PHE A 78 21.78 -8.40 -9.44
CA PHE A 78 22.05 -7.32 -8.50
C PHE A 78 23.47 -6.79 -8.68
N PRO A 79 23.64 -5.47 -8.55
CA PRO A 79 24.96 -4.85 -8.75
C PRO A 79 26.00 -5.33 -7.74
N THR A 80 27.25 -5.48 -8.18
CA THR A 80 28.31 -5.95 -7.31
C THR A 80 28.97 -4.80 -6.56
N SER A 81 28.68 -3.58 -6.98
CA SER A 81 29.22 -2.39 -6.33
C SER A 81 28.51 -1.18 -6.88
N PRO A 82 28.73 -0.01 -6.26
CA PRO A 82 28.13 1.22 -6.78
C PRO A 82 28.59 1.53 -8.20
N SER A 83 29.70 0.97 -8.65
CA SER A 83 30.18 1.25 -10.00
C SER A 83 29.68 0.22 -11.01
N ASP A 84 28.92 -0.75 -10.54
CA ASP A 84 28.38 -1.79 -11.41
C ASP A 84 27.13 -1.33 -12.14
N TRP A 85 27.31 -0.47 -13.13
CA TRP A 85 26.21 0.00 -13.94
C TRP A 85 26.70 0.34 -15.35
N ARG A 86 25.76 0.35 -16.30
CA ARG A 86 26.01 0.83 -17.64
C ARG A 86 24.68 1.33 -18.15
N ILE A 87 24.71 2.20 -19.15
CA ILE A 87 23.47 2.65 -19.76
C ILE A 87 22.77 1.43 -20.38
N LEU A 88 21.46 1.33 -20.19
CA LEU A 88 20.73 0.11 -20.55
C LEU A 88 20.77 -0.18 -22.05
N TYR A 89 20.38 0.80 -22.86
CA TYR A 89 20.40 0.67 -24.31
C TYR A 89 21.11 1.89 -24.89
N PRO A 90 21.92 1.69 -25.93
CA PRO A 90 22.62 2.81 -26.58
C PRO A 90 21.68 3.83 -27.22
N GLU A 91 20.42 3.45 -27.43
CA GLU A 91 19.41 4.36 -27.97
C GLU A 91 19.01 5.46 -26.98
N ILE A 92 19.37 5.29 -25.71
CA ILE A 92 18.82 6.16 -24.67
C ILE A 92 19.20 7.65 -24.78
N PRO A 93 20.49 7.95 -24.89
CA PRO A 93 20.86 9.38 -24.91
C PRO A 93 20.24 10.14 -26.08
N LYS A 94 20.16 9.52 -27.26
CA LYS A 94 19.55 10.21 -28.41
C LYS A 94 18.10 10.58 -28.08
N LYS A 95 17.36 9.66 -27.47
CA LYS A 95 15.96 9.94 -27.16
C LYS A 95 15.87 11.09 -26.16
N LEU A 96 16.75 11.06 -25.16
CA LEU A 96 16.76 12.13 -24.17
C LEU A 96 17.10 13.51 -24.74
N GLN A 97 18.05 13.56 -25.67
CA GLN A 97 18.37 14.81 -26.36
C GLN A 97 17.15 15.32 -27.11
N GLU A 98 16.45 14.42 -27.78
CA GLU A 98 15.27 14.82 -28.55
C GLU A 98 14.17 15.36 -27.63
N LEU A 99 13.94 14.69 -26.50
CA LEU A 99 12.94 15.16 -25.55
C LEU A 99 13.31 16.53 -24.98
N ALA A 100 14.56 16.69 -24.58
CA ALA A 100 14.99 17.98 -24.04
C ALA A 100 14.79 19.07 -25.08
N ALA A 101 15.11 18.77 -26.34
CA ALA A 101 14.99 19.76 -27.42
C ALA A 101 13.52 20.16 -27.65
N GLU A 102 12.61 19.23 -27.38
CA GLU A 102 11.18 19.50 -27.51
C GLU A 102 10.58 20.16 -26.28
N GLY A 103 11.42 20.49 -25.29
CA GLY A 103 10.95 21.19 -24.11
C GLY A 103 10.39 20.34 -22.97
N TYR A 104 10.66 19.05 -22.99
CA TYR A 104 10.30 18.18 -21.86
C TYR A 104 11.34 18.32 -20.74
N LYS A 105 10.88 18.60 -19.51
CA LYS A 105 11.77 18.51 -18.36
C LYS A 105 12.07 17.04 -18.07
N LEU A 106 13.35 16.68 -18.01
CA LEU A 106 13.73 15.30 -17.76
C LEU A 106 13.85 15.04 -16.27
N VAL A 107 13.16 14.01 -15.80
CA VAL A 107 13.10 13.75 -14.38
C VAL A 107 13.29 12.26 -14.15
N ILE A 108 13.94 11.91 -13.05
CA ILE A 108 13.98 10.51 -12.60
C ILE A 108 13.25 10.34 -11.28
N PHE A 109 12.46 9.26 -11.19
CA PHE A 109 11.78 8.88 -9.96
C PHE A 109 12.25 7.48 -9.61
N THR A 110 12.98 7.34 -8.51
CA THR A 110 13.59 6.05 -8.17
C THR A 110 13.31 5.66 -6.70
N ASN A 111 12.89 4.42 -6.47
CA ASN A 111 12.79 3.87 -5.12
C ASN A 111 14.16 3.33 -4.69
N GLN A 112 14.64 3.76 -3.53
CA GLN A 112 15.91 3.25 -2.99
C GLN A 112 15.75 2.99 -1.49
N MET A 113 14.96 1.98 -1.18
CA MET A 113 14.62 1.71 0.21
C MET A 113 15.83 1.18 0.98
N GLY A 114 16.88 0.81 0.26
CA GLY A 114 18.11 0.39 0.91
C GLY A 114 18.72 1.52 1.72
N ILE A 115 18.44 2.76 1.30
CA ILE A 115 18.94 3.93 2.00
C ILE A 115 18.28 4.08 3.37
N GLY A 116 16.95 4.00 3.39
CA GLY A 116 16.20 4.07 4.63
C GLY A 116 16.50 2.91 5.54
N ARG A 117 16.75 1.74 4.95
CA ARG A 117 17.03 0.52 5.72
C ARG A 117 18.46 0.47 6.25
N GLY A 118 19.30 1.40 5.82
CA GLY A 118 20.68 1.46 6.28
C GLY A 118 21.65 0.55 5.54
N LYS A 119 21.17 -0.07 4.46
CA LYS A 119 21.99 -0.97 3.66
C LYS A 119 22.82 -0.27 2.58
N LEU A 120 22.34 0.87 2.11
CA LEU A 120 23.01 1.64 1.06
C LEU A 120 23.26 3.05 1.55
N PRO A 121 24.54 3.44 1.71
CA PRO A 121 24.81 4.81 2.16
C PRO A 121 24.28 5.82 1.16
N ALA A 122 23.56 6.82 1.64
CA ALA A 122 23.02 7.88 0.80
C ALA A 122 24.13 8.56 0.00
N GLU A 123 25.25 8.83 0.64
N GLU A 123 25.24 8.82 0.67
CA GLU A 123 26.32 9.55 -0.02
CA GLU A 123 26.38 9.51 0.06
C GLU A 123 26.98 8.74 -1.15
C GLU A 123 26.92 8.74 -1.14
N VAL A 124 26.90 7.42 -1.06
CA VAL A 124 27.40 6.55 -2.12
C VAL A 124 26.39 6.53 -3.28
N PHE A 125 25.12 6.38 -2.95
CA PHE A 125 24.09 6.44 -4.00
C PHE A 125 24.15 7.78 -4.73
N LYS A 126 24.33 8.87 -4.00
CA LYS A 126 24.38 10.19 -4.63
C LYS A 126 25.48 10.25 -5.67
N GLY A 127 26.64 9.69 -5.34
CA GLY A 127 27.74 9.66 -6.28
C GLY A 127 27.43 8.84 -7.53
N LYS A 128 26.71 7.74 -7.34
CA LYS A 128 26.36 6.88 -8.46
C LYS A 128 25.44 7.64 -9.40
N VAL A 129 24.44 8.31 -8.82
CA VAL A 129 23.51 9.11 -9.61
C VAL A 129 24.26 10.17 -10.42
N GLU A 130 25.18 10.91 -9.80
CA GLU A 130 25.90 11.94 -10.54
C GLU A 130 26.73 11.36 -11.70
N ALA A 131 27.30 10.19 -11.48
CA ALA A 131 28.10 9.53 -12.51
C ALA A 131 27.19 9.10 -13.67
N VAL A 132 26.03 8.55 -13.35
CA VAL A 132 25.11 8.13 -14.40
C VAL A 132 24.65 9.35 -15.21
N LEU A 133 24.30 10.43 -14.52
CA LEU A 133 23.83 11.62 -15.21
C LEU A 133 24.90 12.20 -16.13
N GLU A 134 26.15 12.15 -15.69
CA GLU A 134 27.24 12.65 -16.51
C GLU A 134 27.32 11.87 -17.82
N LYS A 135 27.15 10.55 -17.72
CA LYS A 135 27.20 9.67 -18.88
C LYS A 135 26.01 9.91 -19.82
N LEU A 136 24.83 10.08 -19.24
CA LEU A 136 23.65 10.39 -20.04
C LEU A 136 23.78 11.72 -20.78
N GLY A 137 24.47 12.68 -20.18
CA GLY A 137 24.86 13.90 -20.88
C GLY A 137 23.81 14.98 -21.06
N VAL A 138 22.74 14.91 -20.30
CA VAL A 138 21.66 15.91 -20.34
C VAL A 138 21.25 16.27 -18.92
N PRO A 139 20.76 17.50 -18.71
CA PRO A 139 20.33 17.89 -17.34
C PRO A 139 19.09 17.14 -16.86
N PHE A 140 19.20 16.55 -15.67
CA PHE A 140 18.11 15.82 -15.02
C PHE A 140 17.77 16.40 -13.65
N GLN A 141 16.51 16.27 -13.25
CA GLN A 141 16.14 16.39 -11.86
C GLN A 141 15.82 14.99 -11.36
N VAL A 142 16.38 14.61 -10.21
CA VAL A 142 16.20 13.24 -9.69
C VAL A 142 15.54 13.27 -8.32
N LEU A 143 14.53 12.42 -8.12
CA LEU A 143 13.86 12.31 -6.84
C LEU A 143 13.95 10.86 -6.36
N VAL A 144 14.37 10.69 -5.11
CA VAL A 144 14.75 9.39 -4.57
C VAL A 144 13.91 9.11 -3.33
N ALA A 145 13.13 8.04 -3.35
CA ALA A 145 12.32 7.64 -2.21
C ALA A 145 13.14 6.67 -1.36
N THR A 146 13.61 7.16 -0.23
CA THR A 146 14.53 6.41 0.61
C THR A 146 13.82 5.46 1.58
N HIS A 147 12.52 5.64 1.75
CA HIS A 147 11.75 4.87 2.74
C HIS A 147 10.44 4.33 2.18
N ALA A 148 9.76 3.48 2.94
CA ALA A 148 8.40 3.12 2.62
C ALA A 148 7.51 4.35 2.80
N GLY A 149 6.28 4.28 2.29
CA GLY A 149 5.31 5.34 2.54
C GLY A 149 4.95 6.20 1.33
N LEU A 150 4.62 7.46 1.63
CA LEU A 150 4.04 8.37 0.64
C LEU A 150 4.86 8.56 -0.63
N ASN A 151 6.18 8.46 -0.53
CA ASN A 151 7.02 8.74 -1.68
C ASN A 151 7.40 7.48 -2.44
N ARG A 152 7.15 6.31 -1.85
CA ARG A 152 7.53 5.06 -2.50
C ARG A 152 6.55 4.65 -3.60
N LYS A 153 7.04 4.63 -4.84
CA LYS A 153 6.23 4.21 -5.98
C LYS A 153 5.62 2.87 -5.61
N PRO A 154 4.35 2.67 -5.95
CA PRO A 154 3.57 3.50 -6.87
C PRO A 154 2.87 4.72 -6.24
N VAL A 155 2.96 4.94 -4.94
CA VAL A 155 2.27 6.11 -4.36
C VAL A 155 2.91 7.33 -4.99
N SER A 156 2.11 8.39 -5.18
CA SER A 156 2.54 9.51 -6.01
C SER A 156 3.26 10.65 -5.29
N GLY A 157 3.75 10.39 -4.07
CA GLY A 157 4.41 11.44 -3.30
C GLY A 157 5.48 12.23 -4.06
N MET A 158 6.33 11.53 -4.81
CA MET A 158 7.41 12.20 -5.55
C MET A 158 6.89 13.09 -6.66
N TRP A 159 5.85 12.64 -7.35
CA TRP A 159 5.22 13.50 -8.34
C TRP A 159 4.71 14.80 -7.69
N ASP A 160 3.98 14.64 -6.59
CA ASP A 160 3.44 15.79 -5.89
C ASP A 160 4.55 16.72 -5.41
N HIS A 161 5.66 16.16 -4.94
CA HIS A 161 6.80 17.02 -4.60
C HIS A 161 7.32 17.78 -5.81
N LEU A 162 7.50 17.07 -6.92
CA LEU A 162 7.95 17.71 -8.16
C LEU A 162 7.05 18.90 -8.48
N GLN A 163 5.75 18.64 -8.52
CA GLN A 163 4.81 19.67 -8.95
C GLN A 163 4.71 20.83 -7.96
N GLU A 164 4.58 20.50 -6.67
CA GLU A 164 4.32 21.51 -5.65
C GLU A 164 5.56 22.27 -5.18
N GLN A 165 6.72 21.61 -5.20
CA GLN A 165 7.92 22.18 -4.59
C GLN A 165 9.10 22.37 -5.54
N ALA A 166 9.11 21.65 -6.66
CA ALA A 166 10.34 21.55 -7.44
C ALA A 166 10.21 21.91 -8.92
N ASN A 167 9.18 22.66 -9.27
CA ASN A 167 9.00 23.05 -10.67
C ASN A 167 8.67 24.55 -10.79
N GLU A 168 9.15 25.33 -9.83
CA GLU A 168 8.98 26.79 -9.84
C GLU A 168 7.53 27.20 -10.07
N GLY A 169 6.60 26.37 -9.58
CA GLY A 169 5.18 26.69 -9.63
C GLY A 169 4.54 26.60 -11.00
N ILE A 170 5.24 26.01 -11.96
CA ILE A 170 4.66 25.80 -13.29
C ILE A 170 3.77 24.55 -13.28
N PRO A 171 2.48 24.71 -13.65
CA PRO A 171 1.62 23.53 -13.72
C PRO A 171 2.08 22.58 -14.81
N ILE A 172 2.11 21.29 -14.47
CA ILE A 172 2.54 20.28 -15.43
C ILE A 172 1.31 19.62 -16.02
N SER A 173 1.21 19.60 -17.34
CA SER A 173 0.18 18.85 -18.04
C SER A 173 0.52 17.36 -18.01
N VAL A 174 -0.23 16.59 -17.25
CA VAL A 174 0.05 15.16 -17.15
CA VAL A 174 0.01 15.16 -17.14
C VAL A 174 -0.24 14.45 -18.47
N GLU A 175 -1.28 14.90 -19.18
CA GLU A 175 -1.62 14.31 -20.47
C GLU A 175 -0.53 14.46 -21.52
N ASP A 176 0.26 15.51 -21.40
CA ASP A 176 1.33 15.77 -22.36
C ASP A 176 2.68 15.27 -21.86
N SER A 177 2.66 14.59 -20.71
CA SER A 177 3.89 14.07 -20.10
C SER A 177 3.97 12.56 -20.31
N VAL A 178 5.00 11.92 -19.75
CA VAL A 178 5.11 10.47 -19.88
C VAL A 178 5.97 9.94 -18.74
N PHE A 179 5.68 8.71 -18.31
CA PHE A 179 6.57 8.02 -17.38
C PHE A 179 7.00 6.71 -17.99
N VAL A 180 8.28 6.39 -17.85
CA VAL A 180 8.87 5.21 -18.46
C VAL A 180 9.54 4.37 -17.38
N GLY A 181 9.21 3.10 -17.30
CA GLY A 181 9.83 2.25 -16.29
C GLY A 181 9.66 0.78 -16.57
N ASP A 182 10.51 -0.04 -15.94
CA ASP A 182 10.51 -1.48 -16.22
C ASP A 182 9.66 -2.29 -15.25
N ALA A 183 9.24 -1.70 -14.13
CA ALA A 183 8.35 -2.42 -13.21
C ALA A 183 6.92 -2.28 -13.75
N ALA A 184 6.62 -3.06 -14.78
CA ALA A 184 5.43 -2.80 -15.59
C ALA A 184 4.43 -3.96 -15.56
N GLY A 185 4.67 -4.90 -14.66
CA GLY A 185 3.76 -6.03 -14.50
C GLY A 185 3.62 -6.90 -15.74
N ARG A 186 4.66 -6.94 -16.58
CA ARG A 186 4.61 -7.74 -17.80
C ARG A 186 4.61 -9.24 -17.53
N LEU A 187 3.89 -9.97 -18.36
CA LEU A 187 3.92 -11.44 -18.33
C LEU A 187 5.27 -11.96 -18.77
N ALA A 188 5.61 -13.16 -18.32
CA ALA A 188 6.85 -13.83 -18.73
C ALA A 188 6.99 -13.90 -20.24
N ASN A 189 8.24 -13.88 -20.70
CA ASN A 189 8.58 -14.12 -22.10
C ASN A 189 8.19 -13.03 -23.12
N TRP A 190 8.03 -11.80 -22.66
CA TRP A 190 7.68 -10.72 -23.57
C TRP A 190 8.82 -10.47 -24.56
N ALA A 191 9.91 -11.19 -24.37
CA ALA A 191 11.01 -11.15 -25.31
C ALA A 191 11.97 -12.30 -25.04
N PRO A 192 12.59 -12.82 -26.11
CA PRO A 192 13.67 -13.81 -26.04
C PRO A 192 14.60 -13.57 -24.86
N GLY A 193 14.56 -14.47 -23.88
CA GLY A 193 15.49 -14.42 -22.77
C GLY A 193 14.93 -13.86 -21.47
N ARG A 194 13.61 -13.92 -21.30
CA ARG A 194 12.99 -13.42 -20.08
C ARG A 194 11.85 -14.33 -19.61
N LYS A 195 12.18 -15.56 -19.23
CA LYS A 195 11.16 -16.49 -18.74
C LYS A 195 10.58 -15.97 -17.43
N LYS A 196 10.99 -14.78 -17.01
CA LYS A 196 10.55 -14.20 -15.76
C LYS A 196 9.65 -12.97 -15.96
N LYS A 197 8.45 -13.04 -15.42
CA LYS A 197 7.55 -11.90 -15.40
C LYS A 197 8.20 -10.78 -14.61
N ASP A 198 7.77 -9.54 -14.86
CA ASP A 198 8.26 -8.42 -14.05
C ASP A 198 8.07 -8.71 -12.56
N PHE A 199 9.09 -8.38 -11.77
CA PHE A 199 9.02 -8.50 -10.32
C PHE A 199 7.93 -7.60 -9.73
N SER A 200 7.71 -6.46 -10.37
CA SER A 200 6.85 -5.44 -9.79
C SER A 200 6.05 -4.74 -10.89
N CYS A 201 4.95 -4.11 -10.49
CA CYS A 201 4.13 -3.29 -11.39
C CYS A 201 4.16 -1.85 -10.91
N ALA A 202 5.16 -1.50 -10.09
CA ALA A 202 5.17 -0.21 -9.41
C ALA A 202 5.27 0.99 -10.36
N ASP A 203 6.01 0.85 -11.45
CA ASP A 203 6.17 1.95 -12.39
C ASP A 203 4.87 2.22 -13.14
N ARG A 204 4.24 1.15 -13.63
CA ARG A 204 2.97 1.32 -14.35
C ARG A 204 1.89 1.88 -13.43
N LEU A 205 1.87 1.42 -12.18
CA LEU A 205 0.89 1.89 -11.22
C LEU A 205 1.15 3.34 -10.77
N PHE A 206 2.42 3.72 -10.68
CA PHE A 206 2.74 5.13 -10.42
C PHE A 206 2.09 6.00 -11.50
N ALA A 207 2.36 5.67 -12.77
CA ALA A 207 1.78 6.40 -13.88
C ALA A 207 0.23 6.43 -13.80
N LEU A 208 -0.37 5.29 -13.52
CA LEU A 208 -1.82 5.21 -13.34
C LEU A 208 -2.32 6.16 -12.24
N ASN A 209 -1.64 6.17 -11.09
CA ASN A 209 -2.07 7.02 -9.97
C ASN A 209 -2.06 8.51 -10.32
N VAL A 210 -1.03 8.92 -11.05
CA VAL A 210 -0.84 10.32 -11.42
C VAL A 210 -1.70 10.69 -12.63
N GLY A 211 -1.92 9.71 -13.50
CA GLY A 211 -2.65 9.95 -14.74
C GLY A 211 -1.73 10.14 -15.94
N LEU A 212 -0.49 9.65 -15.80
CA LEU A 212 0.53 9.82 -16.83
C LEU A 212 0.50 8.69 -17.86
N PRO A 213 0.65 9.03 -19.15
CA PRO A 213 0.89 8.01 -20.18
C PRO A 213 2.11 7.20 -19.78
N PHE A 214 2.09 5.90 -20.06
CA PHE A 214 3.15 5.03 -19.57
C PHE A 214 3.75 4.18 -20.66
N ALA A 215 5.04 3.94 -20.57
CA ALA A 215 5.69 3.02 -21.48
C ALA A 215 6.85 2.30 -20.79
N THR A 216 7.12 1.07 -21.23
CA THR A 216 8.30 0.37 -20.77
C THR A 216 9.53 0.91 -21.51
N PRO A 217 10.73 0.59 -21.01
CA PRO A 217 11.94 1.07 -21.68
C PRO A 217 12.02 0.58 -23.12
N GLU A 218 11.61 -0.67 -23.36
CA GLU A 218 11.70 -1.21 -24.70
C GLU A 218 10.66 -0.61 -25.66
N GLU A 219 9.43 -0.41 -25.17
CA GLU A 219 8.42 0.28 -25.98
C GLU A 219 8.85 1.73 -26.28
N PHE A 220 9.45 2.39 -25.29
CA PHE A 220 9.79 3.81 -25.43
C PHE A 220 11.05 4.06 -26.26
N PHE A 221 12.16 3.44 -25.87
CA PHE A 221 13.44 3.68 -26.54
C PHE A 221 13.65 2.86 -27.82
N LEU A 222 13.09 1.66 -27.88
CA LEU A 222 13.35 0.76 -29.00
C LEU A 222 12.17 0.61 -29.96
N LYS A 223 11.04 1.21 -29.58
CA LYS A 223 9.80 1.13 -30.35
C LYS A 223 9.31 -0.31 -30.53
N TRP A 224 9.63 -1.18 -29.58
CA TRP A 224 9.01 -2.50 -29.52
C TRP A 224 7.49 -2.41 -29.32
N PRO A 225 6.76 -3.37 -29.89
CA PRO A 225 5.31 -3.46 -29.64
C PRO A 225 5.01 -3.60 -28.14
N ALA A 226 3.87 -3.08 -27.71
CA ALA A 226 3.47 -3.16 -26.32
C ALA A 226 3.50 -4.61 -25.84
N ALA A 227 4.07 -4.81 -24.65
CA ALA A 227 4.10 -6.12 -24.01
C ALA A 227 2.85 -6.36 -23.19
N ARG A 228 2.45 -7.63 -23.08
CA ARG A 228 1.28 -7.97 -22.28
C ARG A 228 1.60 -7.80 -20.82
N PHE A 229 0.62 -7.35 -20.05
CA PHE A 229 0.82 -7.09 -18.63
C PHE A 229 -0.45 -7.39 -17.84
N GLU A 230 -0.32 -7.39 -16.52
CA GLU A 230 -1.43 -7.59 -15.62
C GLU A 230 -1.45 -6.49 -14.57
N LEU A 231 -2.65 -6.01 -14.24
CA LEU A 231 -2.83 -5.11 -13.11
C LEU A 231 -3.20 -5.91 -11.87
N PRO A 232 -3.04 -5.31 -10.68
CA PRO A 232 -3.45 -6.05 -9.49
C PRO A 232 -4.94 -6.37 -9.52
N ALA A 233 -5.33 -7.48 -8.91
CA ALA A 233 -6.74 -7.86 -8.82
C ALA A 233 -7.58 -6.83 -8.08
N PHE A 234 -7.00 -6.22 -7.05
CA PHE A 234 -7.72 -5.23 -6.26
C PHE A 234 -7.36 -3.84 -6.76
N ASP A 235 -8.38 -3.10 -7.17
CA ASP A 235 -8.22 -1.75 -7.68
C ASP A 235 -8.81 -0.77 -6.66
N PRO A 236 -7.95 -0.03 -5.94
CA PRO A 236 -8.50 0.83 -4.89
C PRO A 236 -9.35 1.97 -5.42
N ARG A 237 -9.35 2.17 -6.73
CA ARG A 237 -10.21 3.18 -7.33
C ARG A 237 -11.67 2.75 -7.22
N THR A 238 -11.90 1.47 -6.92
CA THR A 238 -13.25 0.92 -6.84
C THR A 238 -13.85 0.94 -5.45
N ILE A 239 -13.13 1.48 -4.48
CA ILE A 239 -13.60 1.45 -3.10
C ILE A 239 -14.59 2.58 -2.78
N SER A 240 -15.81 2.21 -2.41
CA SER A 240 -16.85 3.21 -2.17
C SER A 240 -17.09 3.50 -0.70
N SER A 241 -17.70 4.65 -0.44
CA SER A 241 -18.17 4.98 0.89
C SER A 241 -19.67 4.70 0.91
N ALA A 242 -20.19 4.28 -0.24
CA ALA A 242 -21.62 4.05 -0.41
C ALA A 242 -22.07 2.76 0.26
N GLY A 243 -23.38 2.53 0.26
CA GLY A 243 -23.93 1.28 0.75
C GLY A 243 -24.12 1.19 2.25
N PRO A 244 -24.82 0.14 2.69
CA PRO A 244 -25.15 -0.13 4.10
C PRO A 244 -23.91 -0.38 4.94
N LEU A 245 -23.96 0.04 6.20
CA LEU A 245 -22.89 -0.22 7.16
C LEU A 245 -22.70 -1.71 7.41
N TYR A 246 -23.81 -2.46 7.45
CA TYR A 246 -23.81 -3.90 7.69
C TYR A 246 -25.02 -4.57 7.05
N LEU A 247 -24.95 -5.89 6.90
CA LEU A 247 -26.05 -6.66 6.34
C LEU A 247 -26.37 -7.86 7.23
N PRO A 248 -27.66 -8.21 7.36
CA PRO A 248 -28.82 -7.57 6.75
C PRO A 248 -29.14 -6.24 7.42
N GLU A 249 -29.66 -5.28 6.67
CA GLU A 249 -29.99 -3.99 7.24
C GLU A 249 -31.10 -4.10 8.28
N SER A 250 -31.89 -5.18 8.20
CA SER A 250 -32.98 -5.40 9.15
C SER A 250 -32.48 -5.76 10.54
N SER A 251 -31.22 -6.17 10.65
CA SER A 251 -30.65 -6.50 11.96
C SER A 251 -30.19 -5.25 12.71
N SER A 252 -29.83 -5.41 13.98
CA SER A 252 -29.34 -4.29 14.78
CA SER A 252 -29.35 -4.28 14.77
C SER A 252 -27.94 -4.57 15.27
N LEU A 253 -27.09 -3.53 15.27
CA LEU A 253 -25.71 -3.69 15.74
C LEU A 253 -25.69 -3.99 17.23
N LEU A 254 -26.64 -3.42 17.96
CA LEU A 254 -26.66 -3.57 19.40
C LEU A 254 -27.79 -4.50 19.87
N SER A 255 -27.58 -5.13 21.03
CA SER A 255 -28.64 -5.83 21.75
C SER A 255 -28.89 -5.14 23.09
N PRO A 256 -30.17 -5.08 23.52
CA PRO A 256 -30.48 -4.52 24.83
C PRO A 256 -30.02 -5.40 25.99
N ASN A 257 -29.76 -6.68 25.71
CA ASN A 257 -29.45 -7.63 26.78
C ASN A 257 -28.05 -8.19 26.63
N PRO A 258 -27.51 -8.81 27.68
CA PRO A 258 -26.18 -9.41 27.55
C PRO A 258 -26.06 -10.31 26.33
N GLU A 259 -24.88 -10.29 25.72
CA GLU A 259 -24.56 -11.11 24.56
C GLU A 259 -23.05 -11.10 24.38
N VAL A 260 -22.56 -11.98 23.52
CA VAL A 260 -21.14 -11.96 23.17
C VAL A 260 -21.05 -11.77 21.66
N VAL A 261 -20.43 -10.68 21.23
CA VAL A 261 -20.19 -10.49 19.81
C VAL A 261 -18.76 -10.89 19.47
N VAL A 262 -18.62 -11.75 18.46
CA VAL A 262 -17.30 -12.19 18.02
C VAL A 262 -16.97 -11.56 16.67
N ALA A 263 -15.95 -10.71 16.65
CA ALA A 263 -15.52 -10.03 15.44
C ALA A 263 -14.52 -10.91 14.67
N VAL A 264 -14.79 -11.11 13.39
CA VAL A 264 -13.94 -11.93 12.54
C VAL A 264 -13.47 -11.09 11.37
N GLY A 265 -12.17 -11.14 11.08
CA GLY A 265 -11.65 -10.40 9.95
C GLY A 265 -10.15 -10.23 10.02
N PHE A 266 -9.53 -10.01 8.86
CA PHE A 266 -8.11 -9.66 8.82
C PHE A 266 -7.82 -8.50 9.74
N PRO A 267 -6.65 -8.54 10.39
CA PRO A 267 -6.18 -7.40 11.17
C PRO A 267 -5.76 -6.26 10.23
N GLY A 268 -5.64 -5.06 10.78
CA GLY A 268 -5.21 -3.89 10.02
C GLY A 268 -6.17 -3.40 8.95
N ALA A 269 -7.40 -3.91 8.99
CA ALA A 269 -8.39 -3.63 7.97
C ALA A 269 -9.55 -2.78 8.49
N GLY A 270 -9.44 -2.28 9.73
CA GLY A 270 -10.49 -1.45 10.30
C GLY A 270 -11.47 -2.11 11.26
N LYS A 271 -11.29 -3.39 11.55
CA LYS A 271 -12.16 -4.08 12.51
C LYS A 271 -12.21 -3.36 13.85
N SER A 272 -11.04 -3.12 14.44
CA SER A 272 -11.02 -2.56 15.79
C SER A 272 -11.62 -1.16 15.82
N THR A 273 -11.37 -0.36 14.79
CA THR A 273 -11.94 0.98 14.70
CA THR A 273 -11.94 0.98 14.77
C THR A 273 -13.47 0.95 14.67
N PHE A 274 -14.01 0.04 13.86
CA PHE A 274 -15.46 -0.15 13.76
C PHE A 274 -16.02 -0.53 15.13
N ILE A 275 -15.35 -1.48 15.78
CA ILE A 275 -15.78 -1.99 17.08
C ILE A 275 -15.76 -0.89 18.13
N GLN A 276 -14.71 -0.07 18.10
CA GLN A 276 -14.60 1.05 19.02
CA GLN A 276 -14.59 1.06 19.00
C GLN A 276 -15.72 2.05 18.79
N GLU A 277 -15.91 2.43 17.53
CA GLU A 277 -16.91 3.44 17.19
C GLU A 277 -18.35 3.02 17.44
N HIS A 278 -18.67 1.75 17.17
CA HIS A 278 -20.06 1.30 17.20
C HIS A 278 -20.48 0.49 18.42
N LEU A 279 -19.53 -0.20 19.06
CA LEU A 279 -19.87 -1.08 20.19
C LEU A 279 -19.31 -0.58 21.51
N VAL A 280 -17.99 -0.40 21.57
CA VAL A 280 -17.37 0.06 22.80
C VAL A 280 -17.96 1.42 23.22
N SER A 281 -18.18 2.30 22.24
CA SER A 281 -18.79 3.59 22.53
C SER A 281 -20.21 3.45 23.09
N ALA A 282 -20.84 2.32 22.82
CA ALA A 282 -22.18 2.03 23.33
C ALA A 282 -22.14 1.22 24.63
N GLY A 283 -20.95 0.99 25.17
CA GLY A 283 -20.83 0.32 26.46
C GLY A 283 -20.48 -1.15 26.41
N TYR A 284 -20.22 -1.69 25.22
CA TYR A 284 -19.77 -3.08 25.14
C TYR A 284 -18.40 -3.17 25.77
N VAL A 285 -18.18 -4.26 26.52
CA VAL A 285 -16.88 -4.51 27.12
C VAL A 285 -15.95 -5.13 26.09
N HIS A 286 -14.85 -4.44 25.83
CA HIS A 286 -13.81 -4.90 24.92
C HIS A 286 -13.00 -5.96 25.65
N VAL A 287 -13.27 -7.23 25.36
CA VAL A 287 -12.53 -8.32 26.00
C VAL A 287 -11.43 -8.83 25.06
N ASN A 288 -10.19 -8.42 25.35
CA ASN A 288 -9.05 -8.75 24.50
C ASN A 288 -8.20 -9.88 25.07
N ARG A 289 -8.19 -11.02 24.38
CA ARG A 289 -7.52 -12.23 24.85
C ARG A 289 -6.00 -12.10 24.91
N ASP A 290 -5.41 -11.47 23.91
CA ASP A 290 -3.96 -11.36 23.81
C ASP A 290 -3.32 -10.68 25.03
N THR A 291 -4.12 -9.91 25.77
CA THR A 291 -3.58 -9.10 26.85
C THR A 291 -4.11 -9.56 28.22
N LEU A 292 -4.91 -10.62 28.22
CA LEU A 292 -5.47 -11.13 29.46
C LEU A 292 -4.61 -12.25 30.04
N GLY A 293 -3.56 -12.61 29.31
CA GLY A 293 -2.67 -13.67 29.74
C GLY A 293 -3.15 -15.04 29.34
N SER A 294 -4.17 -15.54 30.05
CA SER A 294 -4.64 -16.89 29.82
C SER A 294 -6.14 -16.98 29.53
N TRP A 295 -6.53 -18.09 28.93
CA TRP A 295 -7.93 -18.40 28.67
C TRP A 295 -8.78 -18.24 29.92
N GLN A 296 -8.23 -18.64 31.06
CA GLN A 296 -8.97 -18.62 32.32
C GLN A 296 -9.38 -17.21 32.74
N ARG A 297 -8.43 -16.28 32.69
CA ARG A 297 -8.74 -14.89 33.05
C ARG A 297 -9.68 -14.26 32.02
N CYS A 298 -9.52 -14.65 30.75
CA CYS A 298 -10.38 -14.14 29.69
C CYS A 298 -11.82 -14.61 29.87
N VAL A 299 -12.02 -15.91 30.00
CA VAL A 299 -13.34 -16.46 30.26
C VAL A 299 -13.97 -15.87 31.51
N SER A 300 -13.15 -15.68 32.54
CA SER A 300 -13.60 -15.09 33.79
CA SER A 300 -13.63 -15.10 33.79
C SER A 300 -14.03 -13.65 33.59
N SER A 301 -13.25 -12.93 32.79
CA SER A 301 -13.57 -11.55 32.46
C SER A 301 -14.90 -11.52 31.72
N CYS A 302 -15.03 -12.38 30.72
CA CYS A 302 -16.25 -12.44 29.95
C CYS A 302 -17.45 -12.74 30.85
N GLN A 303 -17.28 -13.72 31.74
CA GLN A 303 -18.38 -14.16 32.57
C GLN A 303 -18.82 -13.07 33.55
N ALA A 304 -17.86 -12.33 34.09
CA ALA A 304 -18.17 -11.28 35.05
C ALA A 304 -18.94 -10.14 34.40
N ALA A 305 -18.55 -9.78 33.18
CA ALA A 305 -19.26 -8.76 32.43
C ALA A 305 -20.70 -9.18 32.19
N LEU A 306 -20.88 -10.42 31.77
CA LEU A 306 -22.22 -10.91 31.46
C LEU A 306 -23.10 -10.93 32.71
N ARG A 307 -22.50 -11.37 33.81
CA ARG A 307 -23.20 -11.48 35.08
C ARG A 307 -23.66 -10.10 35.53
N GLN A 308 -22.93 -9.08 35.09
CA GLN A 308 -23.22 -7.71 35.46
C GLN A 308 -24.23 -7.06 34.52
N GLY A 309 -24.74 -7.86 33.59
CA GLY A 309 -25.75 -7.38 32.66
C GLY A 309 -25.14 -6.61 31.50
N LYS A 310 -23.85 -6.81 31.28
CA LYS A 310 -23.14 -6.10 30.22
C LYS A 310 -23.08 -6.93 28.94
N ARG A 311 -22.76 -6.27 27.83
CA ARG A 311 -22.54 -6.92 26.55
C ARG A 311 -21.04 -6.97 26.34
N VAL A 312 -20.56 -7.99 25.64
CA VAL A 312 -19.12 -8.21 25.46
C VAL A 312 -18.79 -8.28 23.97
N VAL A 313 -17.65 -7.71 23.57
CA VAL A 313 -17.17 -7.90 22.21
C VAL A 313 -15.75 -8.48 22.22
N ILE A 314 -15.52 -9.50 21.40
CA ILE A 314 -14.19 -10.08 21.26
C ILE A 314 -13.59 -9.52 19.99
N ASP A 315 -12.53 -8.73 20.14
CA ASP A 315 -11.90 -8.05 19.02
C ASP A 315 -10.50 -8.61 18.83
N ASN A 316 -10.41 -9.76 18.20
CA ASN A 316 -9.13 -10.40 17.97
C ASN A 316 -9.11 -10.99 16.57
N THR A 317 -8.03 -11.70 16.29
CA THR A 317 -7.96 -12.57 15.14
C THR A 317 -8.53 -13.94 15.52
N ASN A 318 -9.75 -14.18 15.04
CA ASN A 318 -10.47 -15.42 15.27
C ASN A 318 -10.76 -16.09 13.93
N PRO A 319 -9.71 -16.55 13.24
CA PRO A 319 -9.90 -16.92 11.83
C PRO A 319 -10.63 -18.25 11.61
N ASP A 320 -10.54 -19.19 12.54
CA ASP A 320 -11.06 -20.52 12.29
C ASP A 320 -12.08 -21.00 13.33
N VAL A 321 -12.72 -22.12 13.02
CA VAL A 321 -13.76 -22.64 13.90
C VAL A 321 -13.29 -22.85 15.34
N PRO A 322 -12.13 -23.49 15.54
CA PRO A 322 -11.67 -23.70 16.91
C PRO A 322 -11.38 -22.41 17.68
N SER A 323 -10.89 -21.38 17.00
CA SER A 323 -10.65 -20.09 17.65
C SER A 323 -11.96 -19.51 18.20
N ARG A 324 -13.02 -19.65 17.43
CA ARG A 324 -14.29 -19.02 17.79
C ARG A 324 -15.11 -19.86 18.75
N ALA A 325 -14.89 -21.17 18.74
CA ALA A 325 -15.68 -22.09 19.57
C ALA A 325 -15.59 -21.77 21.05
N ARG A 326 -14.40 -21.39 21.49
CA ARG A 326 -14.15 -21.03 22.88
C ARG A 326 -15.13 -19.97 23.36
N TYR A 327 -15.34 -18.95 22.54
CA TYR A 327 -16.19 -17.83 22.92
C TYR A 327 -17.65 -18.21 22.82
N ILE A 328 -17.98 -18.99 21.81
CA ILE A 328 -19.34 -19.47 21.66
C ILE A 328 -19.72 -20.31 22.89
N GLN A 329 -18.84 -21.20 23.31
CA GLN A 329 -19.13 -22.04 24.48
C GLN A 329 -19.36 -21.19 25.73
N CYS A 330 -18.55 -20.14 25.88
CA CYS A 330 -18.70 -19.22 27.00
C CYS A 330 -20.09 -18.58 27.01
N ALA A 331 -20.52 -18.06 25.86
CA ALA A 331 -21.86 -17.51 25.72
C ALA A 331 -22.92 -18.57 26.06
N LYS A 332 -22.75 -19.78 25.53
CA LYS A 332 -23.75 -20.82 25.73
C LYS A 332 -23.86 -21.16 27.21
N ASP A 333 -22.72 -21.22 27.88
CA ASP A 333 -22.70 -21.53 29.30
C ASP A 333 -23.42 -20.46 30.12
N ALA A 334 -23.31 -19.22 29.67
CA ALA A 334 -23.92 -18.09 30.36
C ALA A 334 -25.38 -17.92 29.95
N GLY A 335 -25.79 -18.69 28.95
CA GLY A 335 -27.14 -18.60 28.43
C GLY A 335 -27.43 -17.31 27.67
N VAL A 336 -26.40 -16.70 27.10
CA VAL A 336 -26.58 -15.49 26.29
C VAL A 336 -26.30 -15.78 24.81
N PRO A 337 -26.93 -15.00 23.91
CA PRO A 337 -26.65 -15.20 22.49
C PRO A 337 -25.20 -14.86 22.15
N CYS A 338 -24.69 -15.56 21.15
CA CYS A 338 -23.40 -15.19 20.56
C CYS A 338 -23.66 -14.79 19.11
N ARG A 339 -23.24 -13.59 18.72
CA ARG A 339 -23.35 -13.19 17.32
C ARG A 339 -21.97 -12.98 16.73
N CYS A 340 -21.88 -13.14 15.41
CA CYS A 340 -20.62 -12.91 14.71
C CYS A 340 -20.76 -11.68 13.84
N PHE A 341 -19.78 -10.78 13.93
CA PHE A 341 -19.68 -9.68 12.98
C PHE A 341 -18.54 -10.08 12.05
N ASN A 342 -18.91 -10.41 10.81
CA ASN A 342 -17.95 -10.88 9.82
C ASN A 342 -17.53 -9.75 8.89
N PHE A 343 -16.31 -9.25 9.06
CA PHE A 343 -15.79 -8.14 8.25
C PHE A 343 -15.29 -8.66 6.90
N CSX A 344 -15.81 -8.09 5.82
CA CSX A 344 -15.56 -8.66 4.52
CB CSX A 344 -16.68 -8.44 3.58
SG CSX A 344 -18.28 -8.85 4.17
C CSX A 344 -14.21 -8.41 3.86
O CSX A 344 -13.92 -9.06 2.85
OD CSX A 344 -18.25 -10.25 4.63
N ALA A 345 -13.40 -7.51 4.38
CA ALA A 345 -12.10 -7.23 3.77
C ALA A 345 -11.32 -8.46 3.30
N THR A 346 -10.85 -8.43 2.05
CA THR A 346 -9.94 -9.44 1.53
C THR A 346 -8.51 -9.16 1.95
N ILE A 347 -7.61 -10.11 1.73
CA ILE A 347 -6.22 -9.90 2.16
C ILE A 347 -5.61 -8.67 1.49
N GLU A 348 -5.90 -8.47 0.21
CA GLU A 348 -5.30 -7.32 -0.46
C GLU A 348 -5.96 -6.02 -0.02
N GLN A 349 -7.25 -6.05 0.27
CA GLN A 349 -7.91 -4.88 0.84
C GLN A 349 -7.33 -4.54 2.21
N ALA A 350 -7.12 -5.56 3.04
CA ALA A 350 -6.55 -5.34 4.36
C ALA A 350 -5.12 -4.80 4.26
N ARG A 351 -4.32 -5.35 3.36
CA ARG A 351 -2.94 -4.88 3.21
C ARG A 351 -2.90 -3.44 2.71
N HIS A 352 -3.80 -3.13 1.79
CA HIS A 352 -3.97 -1.74 1.33
C HIS A 352 -4.29 -0.80 2.48
N ASN A 353 -5.28 -1.18 3.28
CA ASN A 353 -5.65 -0.38 4.43
C ASN A 353 -4.49 -0.19 5.40
N ASN A 354 -3.78 -1.27 5.68
CA ASN A 354 -2.61 -1.21 6.54
CA ASN A 354 -2.57 -1.23 6.51
C ASN A 354 -1.60 -0.17 6.05
N ARG A 355 -1.25 -0.22 4.76
CA ARG A 355 -0.28 0.72 4.21
C ARG A 355 -0.81 2.14 4.34
N PHE A 356 -2.10 2.31 4.09
CA PHE A 356 -2.70 3.63 4.19
C PHE A 356 -2.57 4.18 5.61
N ARG A 357 -2.84 3.32 6.58
CA ARG A 357 -2.74 3.75 7.93
C ARG A 357 -1.28 4.01 8.35
N GLU A 358 -0.36 3.21 7.86
CA GLU A 358 1.05 3.46 8.11
C GLU A 358 1.41 4.86 7.63
N MET A 359 0.89 5.25 6.46
CA MET A 359 1.20 6.55 5.88
C MET A 359 0.52 7.74 6.55
N THR A 360 -0.60 7.51 7.23
CA THR A 360 -1.43 8.63 7.66
C THR A 360 -1.76 8.69 9.15
N ASP A 361 -1.57 7.58 9.87
CA ASP A 361 -2.02 7.49 11.26
C ASP A 361 -0.84 7.23 12.19
N PRO A 362 -0.39 8.27 12.90
CA PRO A 362 0.78 8.17 13.76
C PRO A 362 0.64 7.13 14.87
N SER A 363 -0.60 6.70 15.16
CA SER A 363 -0.85 5.75 16.23
C SER A 363 -1.04 4.33 15.71
N HIS A 364 -0.92 4.16 14.40
CA HIS A 364 -1.23 2.86 13.81
C HIS A 364 -0.15 1.85 14.14
N ALA A 365 -0.57 0.66 14.57
CA ALA A 365 0.37 -0.44 14.78
C ALA A 365 0.45 -1.21 13.47
N PRO A 366 1.63 -1.18 12.83
CA PRO A 366 1.82 -1.80 11.52
C PRO A 366 1.68 -3.33 11.60
N VAL A 367 0.81 -3.88 10.78
CA VAL A 367 0.57 -5.32 10.78
C VAL A 367 1.51 -5.97 9.77
N SER A 368 2.30 -6.94 10.22
CA SER A 368 3.28 -7.57 9.33
C SER A 368 2.60 -8.43 8.27
N ASP A 369 3.29 -8.64 7.15
CA ASP A 369 2.80 -9.54 6.12
C ASP A 369 2.64 -10.98 6.64
N MET A 370 3.50 -11.40 7.57
CA MET A 370 3.35 -12.74 8.12
CA MET A 370 3.38 -12.73 8.18
C MET A 370 2.04 -12.91 8.86
N VAL A 371 1.64 -11.89 9.63
CA VAL A 371 0.37 -11.95 10.33
C VAL A 371 -0.78 -12.07 9.33
N MET A 372 -0.73 -11.29 8.27
CA MET A 372 -1.76 -11.33 7.24
C MET A 372 -1.84 -12.70 6.56
N PHE A 373 -0.69 -13.24 6.18
CA PHE A 373 -0.72 -14.50 5.45
CA PHE A 373 -0.61 -14.52 5.48
C PHE A 373 -1.09 -15.67 6.35
N SER A 374 -0.73 -15.61 7.61
CA SER A 374 -1.10 -16.66 8.56
C SER A 374 -2.60 -16.65 8.79
N TYR A 375 -3.18 -15.46 8.89
CA TYR A 375 -4.61 -15.34 9.08
C TYR A 375 -5.34 -15.99 7.91
N ARG A 376 -4.92 -15.64 6.70
CA ARG A 376 -5.61 -16.14 5.52
C ARG A 376 -5.56 -17.65 5.42
N LYS A 377 -4.42 -18.21 5.78
CA LYS A 377 -4.22 -19.66 5.68
C LYS A 377 -5.12 -20.38 6.67
N GLN A 378 -5.44 -19.71 7.76
CA GLN A 378 -6.24 -20.33 8.82
C GLN A 378 -7.72 -20.03 8.67
N PHE A 379 -8.07 -19.12 7.77
CA PHE A 379 -9.45 -18.63 7.73
C PHE A 379 -10.49 -19.66 7.27
N GLU A 380 -11.55 -19.76 8.05
CA GLU A 380 -12.74 -20.54 7.69
C GLU A 380 -13.93 -19.62 7.93
N PRO A 381 -14.79 -19.45 6.91
CA PRO A 381 -15.90 -18.53 7.08
C PRO A 381 -16.79 -18.96 8.25
N PRO A 382 -17.31 -18.00 9.02
CA PRO A 382 -18.23 -18.33 10.10
C PRO A 382 -19.54 -18.87 9.55
N THR A 383 -20.12 -19.86 10.22
CA THR A 383 -21.44 -20.34 9.86
C THR A 383 -22.31 -20.45 11.10
N LEU A 384 -23.62 -20.47 10.90
CA LEU A 384 -24.57 -20.59 12.01
C LEU A 384 -24.35 -21.89 12.78
N ALA A 385 -23.93 -22.94 12.07
CA ALA A 385 -23.68 -24.24 12.69
C ALA A 385 -22.68 -24.19 13.84
N GLU A 386 -21.81 -23.20 13.83
CA GLU A 386 -20.87 -23.03 14.94
C GLU A 386 -21.59 -22.69 16.23
N GLY A 387 -22.79 -22.12 16.11
CA GLY A 387 -23.57 -21.78 17.29
C GLY A 387 -23.95 -20.31 17.41
N PHE A 388 -23.75 -19.55 16.33
CA PHE A 388 -24.13 -18.14 16.32
C PHE A 388 -25.64 -17.98 16.15
N LEU A 389 -26.22 -17.04 16.89
CA LEU A 389 -27.61 -16.67 16.68
C LEU A 389 -27.78 -16.02 15.31
N GLU A 390 -26.82 -15.17 14.95
CA GLU A 390 -26.80 -14.60 13.61
C GLU A 390 -25.41 -14.11 13.28
N ILE A 391 -25.17 -13.92 12.00
CA ILE A 391 -23.91 -13.40 11.50
C ILE A 391 -24.22 -12.13 10.71
N LEU A 392 -23.59 -11.02 11.10
CA LEU A 392 -23.71 -9.80 10.32
C LEU A 392 -22.50 -9.68 9.42
N GLU A 393 -22.72 -9.24 8.18
CA GLU A 393 -21.63 -8.96 7.26
C GLU A 393 -21.30 -7.47 7.26
N ILE A 394 -20.02 -7.15 7.37
CA ILE A 394 -19.58 -5.76 7.38
C ILE A 394 -18.76 -5.50 6.11
N PRO A 395 -19.41 -4.95 5.08
CA PRO A 395 -18.71 -4.69 3.81
C PRO A 395 -17.47 -3.82 4.00
N PHE A 396 -16.44 -4.07 3.19
CA PHE A 396 -15.26 -3.20 3.19
C PHE A 396 -15.60 -1.91 2.45
N ARG A 397 -15.59 -0.79 3.18
CA ARG A 397 -16.00 0.50 2.64
CA ARG A 397 -15.94 0.48 2.57
C ARG A 397 -15.00 1.57 3.05
N LEU A 398 -14.91 2.64 2.25
CA LEU A 398 -14.10 3.77 2.61
C LEU A 398 -14.69 4.36 3.89
N GLN A 399 -13.83 4.78 4.81
CA GLN A 399 -14.29 5.46 6.01
C GLN A 399 -14.88 6.81 5.67
N GLU A 400 -15.97 7.18 6.35
CA GLU A 400 -16.48 8.54 6.26
C GLU A 400 -15.55 9.44 7.08
N HIS A 401 -15.61 10.73 6.81
CA HIS A 401 -14.85 11.69 7.61
C HIS A 401 -13.33 11.56 7.49
N LEU A 402 -12.86 10.99 6.38
CA LEU A 402 -11.48 11.20 5.97
C LEU A 402 -11.54 12.49 5.18
N ASP A 403 -10.56 13.38 5.34
CA ASP A 403 -10.60 14.60 4.56
C ASP A 403 -10.34 14.29 3.09
N PRO A 404 -10.79 15.18 2.19
CA PRO A 404 -10.68 15.01 0.74
C PRO A 404 -9.29 14.57 0.32
N ALA A 405 -8.26 15.14 0.94
CA ALA A 405 -6.89 14.81 0.60
C ALA A 405 -6.61 13.34 0.86
N LEU A 406 -7.06 12.87 2.03
CA LEU A 406 -6.85 11.48 2.41
C LEU A 406 -7.63 10.52 1.52
N GLN A 407 -8.80 10.95 1.06
CA GLN A 407 -9.60 10.11 0.18
C GLN A 407 -8.90 9.90 -1.16
N ARG A 408 -8.27 10.95 -1.67
CA ARG A 408 -7.51 10.83 -2.91
C ARG A 408 -6.35 9.85 -2.73
N LEU A 409 -5.68 9.94 -1.59
CA LEU A 409 -4.58 9.02 -1.31
C LEU A 409 -5.09 7.59 -1.16
N TYR A 410 -6.24 7.43 -0.53
CA TYR A 410 -6.79 6.09 -0.31
C TYR A 410 -7.03 5.33 -1.62
N ARG A 411 -7.38 6.06 -2.67
CA ARG A 411 -7.68 5.42 -3.95
C ARG A 411 -6.46 5.17 -4.81
N GLN A 412 -5.27 5.43 -4.27
CA GLN A 412 -4.03 5.13 -5.02
C GLN A 412 -3.57 3.71 -4.77
N PHE A 413 -3.12 3.03 -5.82
CA PHE A 413 -2.35 1.80 -5.65
C PHE A 413 -1.14 2.16 -4.81
N SER A 414 -0.83 1.33 -3.82
CA SER A 414 0.30 1.64 -2.95
C SER A 414 1.31 0.52 -2.87
N GLU A 415 1.09 -0.55 -3.63
CA GLU A 415 2.11 -1.60 -3.76
C GLU A 415 2.19 -2.10 -5.20
N GLY A 416 3.41 -2.26 -5.69
CA GLY A 416 3.62 -2.78 -7.04
C GLY A 416 3.63 -4.30 -7.08
C1 GOL B . 30.01 3.32 -16.11
O1 GOL B . 30.47 2.54 -15.02
C2 GOL B . 30.15 2.53 -17.39
O2 GOL B . 29.52 1.29 -17.23
C3 GOL B . 29.53 3.23 -18.61
O3 GOL B . 29.42 4.63 -18.41
MG MG C . 13.34 -0.32 -12.33
CL CL D . 12.05 1.84 -8.39
CL CL E . 13.59 0.24 -3.16
CL CL F . -0.46 4.74 -20.97
C ACT G . -32.07 -12.18 24.93
O ACT G . -31.31 -12.95 25.60
OXT ACT G . -31.54 -11.26 24.23
CH3 ACT G . -33.56 -12.33 24.97
C ACT H . 24.57 0.05 -5.91
O ACT H . 24.89 -0.71 -4.95
OXT ACT H . 25.20 -0.16 -6.98
CH3 ACT H . 23.52 1.12 -5.76
C ACT I . -14.39 -1.34 7.29
O ACT I . -15.06 -1.24 6.25
OXT ACT I . -13.15 -1.27 7.15
CH3 ACT I . -14.99 -1.52 8.65
C ACT J . -8.42 -4.38 12.17
O ACT J . -8.98 -5.01 11.24
OXT ACT J . -8.15 -3.17 11.94
CH3 ACT J . -8.09 -5.00 13.50
C1 GOL K . 7.21 9.66 -27.13
O1 GOL K . 8.17 9.01 -27.94
C2 GOL K . 7.72 11.03 -26.70
O2 GOL K . 8.12 11.75 -27.85
C3 GOL K . 6.61 11.77 -25.96
O3 GOL K . 5.45 10.97 -25.91
C1 GOL L . 16.01 20.68 -18.73
O1 GOL L . 15.23 20.67 -17.55
C2 GOL L . 15.18 20.30 -19.95
O2 GOL L . 14.84 18.93 -19.92
C3 GOL L . 13.91 21.15 -20.01
O3 GOL L . 14.17 22.27 -20.84
C1 GOL M . -3.24 -1.61 -3.79
O1 GOL M . -2.68 -0.72 -2.84
C2 GOL M . -2.12 -2.44 -4.41
O2 GOL M . -1.34 -1.61 -5.26
C3 GOL M . -2.74 -3.57 -5.24
O3 GOL M . -3.42 -4.47 -4.38
C1 GOL N . 20.36 -1.39 -12.26
O1 GOL N . 20.33 -2.75 -11.89
C2 GOL N . 21.42 -0.71 -11.41
O2 GOL N . 21.40 -1.25 -10.11
C3 GOL N . 22.80 -0.97 -12.00
O3 GOL N . 23.73 -0.74 -10.99
C1 GOL O . 2.83 7.68 -24.56
O1 GOL O . 3.43 8.76 -25.24
C2 GOL O . 3.41 6.40 -25.13
O2 GOL O . 4.82 6.47 -25.12
C3 GOL O . 2.94 5.20 -24.31
O3 GOL O . 1.68 5.49 -23.71
CL CL P . -23.97 -2.08 30.41
#